data_8S46
#
_entry.id   8S46
#
_cell.length_a   39.790
_cell.length_b   64.650
_cell.length_c   130.020
_cell.angle_alpha   90.00
_cell.angle_beta   90.00
_cell.angle_gamma   90.00
#
_symmetry.space_group_name_H-M   'P 21 21 21'
#
loop_
_entity.id
_entity.type
_entity.pdbx_description
1 polymer 'Diadenylate cyclase'
2 non-polymer 'SODIUM ION'
3 non-polymer '2-chlorobenzyl carbamimidothioate'
4 water water
#
_entity_poly.entity_id   1
_entity_poly.type   'polypeptide(L)'
_entity_poly.pdbx_seq_one_letter_code
;GPLGSYGSRIEREQHHLIESIEKSTQYMAKRRIGALISVARDTGMDDYIETGIPLNAKISSQLLINIFIPNTPLHDGAVI
IKGNEIASAASYLPLSDSPFLSKELGTRHRAALGISEVTDSITIVVSEETGGISLTKGGELFRDVSEEELHKILLKELVT
VTAKKPSIFSKWKGGKSE
;
_entity_poly.pdbx_strand_id   A,B
#
loop_
_chem_comp.id
_chem_comp.type
_chem_comp.name
_chem_comp.formula
F06 non-polymer '2-chlorobenzyl carbamimidothioate' 'C8 H9 Cl N2 S'
NA non-polymer 'SODIUM ION' 'Na 1'
#
# COMPACT_ATOMS: atom_id res chain seq x y z
N SER A 8 -18.59 9.69 17.58
CA SER A 8 -18.24 10.14 16.23
C SER A 8 -17.23 9.20 15.58
N ARG A 9 -16.52 8.43 16.41
CA ARG A 9 -15.46 7.56 15.91
C ARG A 9 -15.97 6.62 14.81
N ILE A 10 -17.02 5.84 15.12
CA ILE A 10 -17.49 4.83 14.18
C ILE A 10 -17.98 5.49 12.89
N GLU A 11 -18.77 6.56 13.01
CA GLU A 11 -19.34 7.17 11.81
C GLU A 11 -18.23 7.76 10.94
N ARG A 12 -17.25 8.41 11.55
CA ARG A 12 -16.20 9.07 10.77
C ARG A 12 -15.43 8.02 9.97
N GLU A 13 -15.19 6.85 10.58
CA GLU A 13 -14.45 5.80 9.93
C GLU A 13 -15.25 5.23 8.76
N GLN A 14 -16.55 5.00 8.98
CA GLN A 14 -17.39 4.42 7.93
C GLN A 14 -17.53 5.40 6.77
N HIS A 15 -17.72 6.68 7.08
CA HIS A 15 -17.82 7.69 6.02
C HIS A 15 -16.49 7.82 5.29
N HIS A 16 -15.38 7.74 6.04
CA HIS A 16 -14.07 7.78 5.41
C HIS A 16 -13.86 6.58 4.51
N LEU A 17 -14.37 5.42 4.93
CA LEU A 17 -14.32 4.22 4.10
C LEU A 17 -15.07 4.45 2.80
N ILE A 18 -16.29 4.99 2.89
CA ILE A 18 -17.10 5.22 1.70
C ILE A 18 -16.38 6.19 0.77
N GLU A 19 -15.86 7.29 1.34
CA GLU A 19 -15.17 8.28 0.54
C GLU A 19 -13.93 7.69 -0.11
N SER A 20 -13.23 6.82 0.61
CA SER A 20 -12.04 6.19 0.06
C SER A 20 -12.38 5.26 -1.09
N ILE A 21 -13.47 4.50 -0.96
CA ILE A 21 -13.91 3.63 -2.03
C ILE A 21 -14.34 4.46 -3.24
N GLU A 22 -15.10 5.52 -3.01
CA GLU A 22 -15.57 6.35 -4.11
C GLU A 22 -14.41 6.99 -4.87
N LYS A 23 -13.44 7.55 -4.15
CA LYS A 23 -12.33 8.23 -4.80
C LYS A 23 -11.43 7.24 -5.54
N SER A 24 -11.12 6.11 -4.91
CA SER A 24 -10.26 5.13 -5.56
C SER A 24 -10.93 4.52 -6.79
N THR A 25 -12.21 4.13 -6.66
CA THR A 25 -12.90 3.54 -7.80
C THR A 25 -13.02 4.54 -8.96
N GLN A 26 -13.26 5.81 -8.65
CA GLN A 26 -13.31 6.83 -9.70
C GLN A 26 -11.96 6.96 -10.39
N TYR A 27 -10.87 6.95 -9.61
CA TYR A 27 -9.54 7.05 -10.20
C TYR A 27 -9.25 5.86 -11.11
N MET A 28 -9.57 4.65 -10.65
CA MET A 28 -9.26 3.45 -11.42
C MET A 28 -10.22 3.25 -12.59
N ALA A 29 -11.47 3.71 -12.46
CA ALA A 29 -12.40 3.60 -13.57
C ALA A 29 -12.01 4.53 -14.71
N LYS A 30 -11.48 5.71 -14.38
CA LYS A 30 -11.02 6.65 -15.40
C LYS A 30 -9.86 6.10 -16.20
N ARG A 31 -9.09 5.16 -15.64
CA ARG A 31 -7.90 4.62 -16.27
C ARG A 31 -8.05 3.15 -16.62
N ARG A 32 -9.27 2.60 -16.51
CA ARG A 32 -9.55 1.21 -16.86
C ARG A 32 -8.66 0.25 -16.07
N ILE A 33 -8.54 0.52 -14.77
CA ILE A 33 -7.73 -0.29 -13.86
C ILE A 33 -8.67 -1.22 -13.11
N GLY A 34 -8.47 -2.53 -13.27
CA GLY A 34 -9.34 -3.49 -12.62
C GLY A 34 -9.14 -3.48 -11.11
N ALA A 35 -10.25 -3.53 -10.39
CA ALA A 35 -10.21 -3.52 -8.94
C ALA A 35 -11.28 -4.45 -8.38
N LEU A 36 -11.04 -4.91 -7.16
CA LEU A 36 -11.94 -5.84 -6.48
C LEU A 36 -11.79 -5.61 -4.98
N ILE A 37 -12.81 -5.01 -4.37
CA ILE A 37 -12.79 -4.60 -2.98
C ILE A 37 -14.00 -5.19 -2.28
N SER A 38 -13.77 -5.98 -1.24
CA SER A 38 -14.84 -6.63 -0.49
C SER A 38 -14.81 -6.14 0.94
N VAL A 39 -15.94 -5.62 1.42
CA VAL A 39 -16.05 -5.10 2.78
C VAL A 39 -16.77 -6.13 3.62
N ALA A 40 -16.08 -6.63 4.66
CA ALA A 40 -16.65 -7.65 5.52
C ALA A 40 -17.63 -7.02 6.50
N ARG A 41 -18.68 -7.77 6.83
CA ARG A 41 -19.67 -7.30 7.80
C ARG A 41 -19.87 -8.38 8.86
N ASP A 42 -21.11 -8.81 9.08
CA ASP A 42 -21.37 -9.77 10.16
C ASP A 42 -20.66 -11.09 9.88
N THR A 43 -20.78 -11.61 8.66
CA THR A 43 -20.18 -12.89 8.32
C THR A 43 -18.66 -12.73 8.25
N GLY A 44 -17.95 -13.48 9.08
CA GLY A 44 -16.50 -13.40 9.09
C GLY A 44 -15.92 -13.79 7.75
N MET A 45 -14.88 -13.06 7.33
CA MET A 45 -14.16 -13.37 6.10
C MET A 45 -12.70 -13.69 6.38
N ASP A 46 -12.39 -14.13 7.60
CA ASP A 46 -11.01 -14.37 7.99
C ASP A 46 -10.38 -15.47 7.14
N ASP A 47 -11.18 -16.47 6.72
CA ASP A 47 -10.64 -17.53 5.87
C ASP A 47 -10.12 -16.96 4.56
N TYR A 48 -10.83 -15.99 3.99
CA TYR A 48 -10.37 -15.37 2.75
C TYR A 48 -9.27 -14.35 2.99
N ILE A 49 -9.25 -13.72 4.17
CA ILE A 49 -8.18 -12.77 4.49
C ILE A 49 -6.84 -13.48 4.55
N GLU A 50 -6.81 -14.69 5.12
CA GLU A 50 -5.56 -15.43 5.25
C GLU A 50 -4.97 -15.84 3.91
N THR A 51 -5.77 -15.84 2.84
CA THR A 51 -5.26 -16.19 1.51
C THR A 51 -4.46 -15.07 0.87
N GLY A 52 -4.60 -13.84 1.37
CA GLY A 52 -3.95 -12.70 0.76
C GLY A 52 -2.70 -12.27 1.53
N ILE A 53 -2.11 -11.19 1.04
CA ILE A 53 -0.95 -10.57 1.69
C ILE A 53 -1.45 -9.68 2.81
N PRO A 54 -1.05 -9.91 4.06
CA PRO A 54 -1.59 -9.13 5.17
C PRO A 54 -1.07 -7.70 5.14
N LEU A 55 -1.98 -6.74 5.30
CA LEU A 55 -1.63 -5.32 5.37
C LEU A 55 -2.00 -4.72 6.72
N ASN A 56 -3.23 -4.94 7.19
CA ASN A 56 -3.72 -4.39 8.46
C ASN A 56 -3.52 -2.88 8.48
N ALA A 57 -3.77 -2.23 7.35
CA ALA A 57 -3.43 -0.83 7.14
C ALA A 57 -4.64 0.07 7.35
N LYS A 58 -4.35 1.32 7.66
CA LYS A 58 -5.40 2.33 7.73
C LYS A 58 -6.02 2.51 6.33
N ILE A 59 -7.31 2.80 6.30
CA ILE A 59 -8.03 2.92 5.04
C ILE A 59 -7.73 4.27 4.42
N SER A 60 -7.33 4.27 3.15
CA SER A 60 -7.20 5.50 2.39
C SER A 60 -7.45 5.20 0.92
N SER A 61 -7.89 6.23 0.19
CA SER A 61 -8.03 6.09 -1.25
C SER A 61 -6.67 5.94 -1.92
N GLN A 62 -5.65 6.64 -1.40
CA GLN A 62 -4.32 6.55 -1.98
C GLN A 62 -3.78 5.12 -1.92
N LEU A 63 -3.92 4.46 -0.77
CA LEU A 63 -3.44 3.08 -0.66
C LEU A 63 -4.22 2.13 -1.57
N LEU A 64 -5.55 2.27 -1.61
CA LEU A 64 -6.35 1.43 -2.50
C LEU A 64 -5.90 1.58 -3.95
N ILE A 65 -5.59 2.81 -4.36
CA ILE A 65 -5.13 3.04 -5.72
C ILE A 65 -3.78 2.38 -5.97
N ASN A 66 -2.84 2.54 -5.03
CA ASN A 66 -1.52 1.96 -5.19
C ASN A 66 -1.58 0.43 -5.22
N ILE A 67 -2.54 -0.16 -4.52
CA ILE A 67 -2.61 -1.62 -4.46
C ILE A 67 -2.94 -2.20 -5.83
N PHE A 68 -3.92 -1.61 -6.51
CA PHE A 68 -4.44 -2.18 -7.74
C PHE A 68 -3.70 -1.75 -9.00
N ILE A 69 -2.54 -1.12 -8.86
CA ILE A 69 -1.77 -0.76 -10.06
C ILE A 69 -1.40 -2.04 -10.80
N PRO A 70 -1.67 -2.15 -12.10
CA PRO A 70 -1.44 -3.41 -12.81
C PRO A 70 0.03 -3.83 -12.76
N ASN A 71 0.24 -5.15 -12.75
CA ASN A 71 1.57 -5.75 -12.75
C ASN A 71 2.37 -5.35 -11.50
N THR A 72 1.69 -5.36 -10.35
CA THR A 72 2.31 -5.09 -9.07
C THR A 72 2.02 -6.25 -8.11
N PRO A 73 2.87 -6.46 -7.11
CA PRO A 73 2.70 -7.64 -6.25
C PRO A 73 1.36 -7.69 -5.51
N LEU A 74 0.77 -6.55 -5.18
CA LEU A 74 -0.45 -6.52 -4.39
C LEU A 74 -1.73 -6.53 -5.22
N HIS A 75 -1.64 -6.40 -6.54
CA HIS A 75 -2.83 -6.18 -7.36
C HIS A 75 -3.54 -7.47 -7.77
N ASP A 76 -2.80 -8.59 -7.89
CA ASP A 76 -3.35 -9.82 -8.46
C ASP A 76 -4.21 -10.51 -7.41
N GLY A 77 -5.43 -10.01 -7.28
CA GLY A 77 -6.39 -10.56 -6.33
C GLY A 77 -7.30 -9.48 -5.80
N ALA A 78 -7.94 -9.79 -4.67
CA ALA A 78 -8.93 -8.92 -4.06
C ALA A 78 -8.39 -8.24 -2.81
N VAL A 79 -8.88 -7.04 -2.56
CA VAL A 79 -8.65 -6.35 -1.30
C VAL A 79 -9.83 -6.65 -0.38
N ILE A 80 -9.54 -6.96 0.88
CA ILE A 80 -10.56 -7.23 1.88
C ILE A 80 -10.44 -6.20 2.98
N ILE A 81 -11.53 -5.50 3.26
CA ILE A 81 -11.59 -4.49 4.32
C ILE A 81 -12.39 -5.09 5.47
N LYS A 82 -11.80 -5.07 6.66
CA LYS A 82 -12.44 -5.60 7.86
C LYS A 82 -12.39 -4.53 8.94
N GLY A 83 -13.57 -4.10 9.38
CA GLY A 83 -13.67 -3.07 10.39
C GLY A 83 -13.02 -1.77 9.99
N ASN A 84 -11.92 -1.42 10.66
CA ASN A 84 -11.26 -0.15 10.48
C ASN A 84 -10.04 -0.22 9.58
N GLU A 85 -9.74 -1.39 9.01
CA GLU A 85 -8.47 -1.62 8.34
C GLU A 85 -8.69 -2.26 6.98
N ILE A 86 -7.70 -2.05 6.11
CA ILE A 86 -7.53 -2.88 4.91
C ILE A 86 -6.80 -4.14 5.38
N ALA A 87 -7.56 -5.21 5.62
CA ALA A 87 -6.99 -6.40 6.26
C ALA A 87 -5.94 -7.05 5.36
N SER A 88 -6.25 -7.23 4.08
CA SER A 88 -5.35 -7.96 3.20
C SER A 88 -5.53 -7.47 1.76
N ALA A 89 -4.56 -7.80 0.94
CA ALA A 89 -4.60 -7.54 -0.49
C ALA A 89 -4.20 -8.80 -1.25
N ALA A 90 -4.54 -8.83 -2.53
CA ALA A 90 -4.28 -9.99 -3.39
C ALA A 90 -4.92 -11.25 -2.81
N SER A 91 -6.10 -11.09 -2.21
CA SER A 91 -6.80 -12.20 -1.58
C SER A 91 -7.63 -12.96 -2.60
N TYR A 92 -7.95 -14.21 -2.24
CA TYR A 92 -8.78 -15.06 -3.06
C TYR A 92 -10.25 -14.89 -2.69
N LEU A 93 -11.10 -14.91 -3.70
CA LEU A 93 -12.55 -14.96 -3.56
C LEU A 93 -13.11 -16.05 -4.47
N PRO A 94 -14.11 -16.79 -4.01
CA PRO A 94 -14.57 -17.97 -4.77
C PRO A 94 -15.39 -17.55 -5.99
N LEU A 95 -15.21 -18.30 -7.07
CA LEU A 95 -15.94 -18.03 -8.31
C LEU A 95 -17.36 -18.57 -8.21
N SER A 96 -18.34 -17.74 -8.55
CA SER A 96 -19.72 -18.20 -8.55
C SER A 96 -19.92 -19.23 -9.66
N ASP A 97 -20.78 -20.21 -9.37
CA ASP A 97 -21.23 -21.22 -10.32
C ASP A 97 -22.40 -20.74 -11.17
N SER A 98 -22.94 -19.57 -10.88
CA SER A 98 -24.17 -19.11 -11.52
C SER A 98 -24.03 -18.98 -13.04
N PRO A 99 -24.94 -19.58 -13.81
CA PRO A 99 -24.94 -19.40 -15.26
C PRO A 99 -25.63 -18.12 -15.70
N PHE A 100 -26.22 -17.38 -14.76
CA PHE A 100 -26.97 -16.17 -15.07
C PHE A 100 -26.04 -14.99 -15.27
N LEU A 101 -24.88 -14.98 -14.63
CA LEU A 101 -23.92 -13.89 -14.83
C LEU A 101 -23.54 -13.80 -16.30
N SER A 102 -23.56 -12.58 -16.84
CA SER A 102 -23.27 -12.38 -18.25
C SER A 102 -21.85 -12.81 -18.59
N LYS A 103 -21.69 -13.39 -19.78
CA LYS A 103 -20.39 -13.84 -20.23
C LYS A 103 -19.45 -12.68 -20.57
N GLU A 104 -19.99 -11.48 -20.79
CA GLU A 104 -19.13 -10.32 -21.03
C GLU A 104 -18.32 -9.97 -19.80
N LEU A 105 -18.87 -10.23 -18.61
CA LEU A 105 -18.17 -9.90 -17.38
C LEU A 105 -17.04 -10.90 -17.11
N GLY A 106 -15.99 -10.40 -16.49
CA GLY A 106 -14.77 -11.17 -16.29
C GLY A 106 -14.73 -11.91 -14.96
N THR A 107 -13.52 -12.35 -14.61
CA THR A 107 -13.33 -13.14 -13.40
C THR A 107 -13.64 -12.34 -12.14
N ARG A 108 -13.36 -11.03 -12.15
CA ARG A 108 -13.58 -10.22 -10.97
C ARG A 108 -15.06 -10.18 -10.60
N HIS A 109 -15.94 -10.04 -11.58
CA HIS A 109 -17.37 -10.04 -11.28
C HIS A 109 -17.84 -11.39 -10.75
N ARG A 110 -17.30 -12.47 -11.30
CA ARG A 110 -17.71 -13.81 -10.86
C ARG A 110 -17.21 -14.08 -9.44
N ALA A 111 -16.00 -13.63 -9.12
CA ALA A 111 -15.49 -13.77 -7.76
C ALA A 111 -16.29 -12.91 -6.79
N ALA A 112 -16.62 -11.67 -7.19
CA ALA A 112 -17.45 -10.82 -6.34
C ALA A 112 -18.82 -11.41 -6.14
N LEU A 113 -19.40 -12.00 -7.18
CA LEU A 113 -20.67 -12.69 -7.03
C LEU A 113 -20.53 -13.90 -6.11
N GLY A 114 -19.44 -14.66 -6.27
CA GLY A 114 -19.25 -15.86 -5.46
C GLY A 114 -19.15 -15.56 -3.97
N ILE A 115 -18.39 -14.53 -3.61
CA ILE A 115 -18.26 -14.20 -2.19
C ILE A 115 -19.58 -13.65 -1.65
N SER A 116 -20.37 -12.97 -2.50
CA SER A 116 -21.65 -12.44 -2.06
C SER A 116 -22.67 -13.55 -1.80
N GLU A 117 -22.46 -14.73 -2.37
CA GLU A 117 -23.38 -15.85 -2.17
C GLU A 117 -23.13 -16.54 -0.83
N VAL A 118 -21.90 -16.51 -0.33
CA VAL A 118 -21.54 -17.22 0.89
C VAL A 118 -21.27 -16.29 2.07
N THR A 119 -21.27 -14.98 1.86
CA THR A 119 -21.11 -14.01 2.93
C THR A 119 -22.12 -12.88 2.74
N ASP A 120 -22.30 -12.08 3.79
CA ASP A 120 -23.10 -10.87 3.71
C ASP A 120 -22.26 -9.63 3.40
N SER A 121 -21.11 -9.82 2.74
CA SER A 121 -20.21 -8.72 2.47
C SER A 121 -20.72 -7.88 1.30
N ILE A 122 -20.17 -6.67 1.18
CA ILE A 122 -20.43 -5.77 0.07
C ILE A 122 -19.15 -5.68 -0.74
N THR A 123 -19.21 -6.07 -2.01
CA THR A 123 -18.03 -6.11 -2.87
C THR A 123 -18.20 -5.16 -4.03
N ILE A 124 -17.16 -4.37 -4.31
CA ILE A 124 -17.15 -3.38 -5.39
C ILE A 124 -16.17 -3.86 -6.45
N VAL A 125 -16.59 -3.79 -7.71
CA VAL A 125 -15.78 -4.24 -8.84
C VAL A 125 -15.60 -3.08 -9.81
N VAL A 126 -14.36 -2.88 -10.26
CA VAL A 126 -14.04 -1.96 -11.34
C VAL A 126 -13.57 -2.79 -12.53
N SER A 127 -14.29 -2.71 -13.64
CA SER A 127 -13.95 -3.49 -14.82
C SER A 127 -12.78 -2.85 -15.56
N GLU A 128 -11.78 -3.66 -15.91
CA GLU A 128 -10.65 -3.16 -16.67
C GLU A 128 -10.94 -3.04 -18.16
N GLU A 129 -12.04 -3.61 -18.64
CA GLU A 129 -12.40 -3.55 -20.05
C GLU A 129 -13.35 -2.40 -20.34
N THR A 130 -14.30 -2.13 -19.44
CA THR A 130 -15.30 -1.09 -19.66
C THR A 130 -15.16 0.10 -18.72
N GLY A 131 -14.54 -0.08 -17.56
CA GLY A 131 -14.45 0.98 -16.57
C GLY A 131 -15.67 1.16 -15.71
N GLY A 132 -16.68 0.30 -15.84
CA GLY A 132 -17.87 0.42 -15.02
C GLY A 132 -17.65 -0.14 -13.62
N ILE A 133 -18.40 0.42 -12.68
CA ILE A 133 -18.35 0.00 -11.27
C ILE A 133 -19.57 -0.88 -11.01
N SER A 134 -19.34 -2.06 -10.42
CA SER A 134 -20.42 -2.98 -10.11
C SER A 134 -20.37 -3.35 -8.64
N LEU A 135 -21.53 -3.76 -8.11
CA LEU A 135 -21.69 -4.15 -6.71
C LEU A 135 -22.29 -5.56 -6.65
N THR A 136 -21.86 -6.33 -5.67
CA THR A 136 -22.47 -7.62 -5.39
C THR A 136 -22.86 -7.70 -3.92
N LYS A 137 -24.01 -8.31 -3.65
CA LYS A 137 -24.54 -8.41 -2.30
C LYS A 137 -25.60 -9.51 -2.27
N GLY A 138 -25.39 -10.52 -1.43
CA GLY A 138 -26.36 -11.59 -1.28
C GLY A 138 -26.67 -12.34 -2.55
N GLY A 139 -25.65 -12.58 -3.38
CA GLY A 139 -25.84 -13.29 -4.63
C GLY A 139 -26.48 -12.48 -5.74
N GLU A 140 -26.65 -11.18 -5.56
CA GLU A 140 -27.21 -10.30 -6.57
C GLU A 140 -26.16 -9.29 -7.05
N LEU A 141 -26.30 -8.88 -8.30
CA LEU A 141 -25.32 -8.02 -8.96
C LEU A 141 -25.98 -6.74 -9.44
N PHE A 142 -25.38 -5.60 -9.10
CA PHE A 142 -25.78 -4.30 -9.62
C PHE A 142 -24.68 -3.86 -10.57
N ARG A 143 -24.96 -3.90 -11.87
CA ARG A 143 -23.95 -3.71 -12.90
C ARG A 143 -23.94 -2.28 -13.39
N ASP A 144 -22.73 -1.70 -13.49
CA ASP A 144 -22.52 -0.36 -14.06
C ASP A 144 -23.36 0.69 -13.35
N VAL A 145 -23.09 0.86 -12.05
CA VAL A 145 -23.81 1.85 -11.26
C VAL A 145 -23.18 3.21 -11.45
N SER A 146 -24.00 4.26 -11.31
CA SER A 146 -23.52 5.62 -11.45
C SER A 146 -22.86 6.08 -10.15
N GLU A 147 -22.35 7.32 -10.16
CA GLU A 147 -21.79 7.89 -8.94
C GLU A 147 -22.85 8.07 -7.88
N GLU A 148 -24.04 8.53 -8.27
CA GLU A 148 -25.11 8.74 -7.31
C GLU A 148 -25.65 7.42 -6.76
N GLU A 149 -25.81 6.42 -7.63
CA GLU A 149 -26.25 5.11 -7.18
C GLU A 149 -25.22 4.46 -6.25
N LEU A 150 -23.94 4.53 -6.61
CA LEU A 150 -22.91 3.96 -5.75
C LEU A 150 -22.88 4.65 -4.40
N HIS A 151 -23.01 5.99 -4.40
CA HIS A 151 -23.03 6.74 -3.15
C HIS A 151 -24.22 6.35 -2.28
N LYS A 152 -25.39 6.18 -2.91
CA LYS A 152 -26.59 5.83 -2.14
C LYS A 152 -26.49 4.43 -1.58
N ILE A 153 -25.95 3.48 -2.35
CA ILE A 153 -25.85 2.10 -1.88
C ILE A 153 -24.83 1.99 -0.74
N LEU A 154 -23.66 2.62 -0.92
CA LEU A 154 -22.64 2.54 0.12
C LEU A 154 -23.10 3.20 1.41
N LEU A 155 -23.75 4.36 1.32
CA LEU A 155 -24.29 5.01 2.51
C LEU A 155 -25.29 4.12 3.24
N LYS A 156 -26.18 3.46 2.49
CA LYS A 156 -27.22 2.66 3.12
C LYS A 156 -26.65 1.39 3.74
N GLU A 157 -25.65 0.79 3.10
CA GLU A 157 -25.13 -0.50 3.52
C GLU A 157 -23.99 -0.39 4.53
N LEU A 158 -23.07 0.57 4.35
CA LEU A 158 -21.85 0.63 5.14
C LEU A 158 -21.95 1.54 6.36
N VAL A 159 -22.95 2.40 6.43
CA VAL A 159 -23.10 3.35 7.53
C VAL A 159 -24.16 2.82 8.48
N THR A 160 -23.79 2.59 9.73
CA THR A 160 -24.69 2.03 10.73
C THR A 160 -25.18 3.11 11.69
N ILE B 10 10.68 -9.26 19.24
CA ILE B 10 11.34 -10.50 18.87
C ILE B 10 12.36 -10.26 17.77
N GLU B 11 13.27 -11.22 17.57
CA GLU B 11 14.25 -11.10 16.50
C GLU B 11 13.61 -11.46 15.17
N ARG B 12 12.45 -12.14 15.20
CA ARG B 12 11.73 -12.46 13.97
C ARG B 12 11.33 -11.18 13.26
N GLU B 13 10.84 -10.19 14.01
CA GLU B 13 10.43 -8.93 13.42
C GLU B 13 11.61 -8.25 12.75
N GLN B 14 12.78 -8.27 13.41
CA GLN B 14 13.95 -7.60 12.86
C GLN B 14 14.40 -8.31 11.59
N HIS B 15 14.34 -9.65 11.59
CA HIS B 15 14.70 -10.42 10.41
C HIS B 15 13.75 -10.05 9.26
N HIS B 16 12.45 -10.04 9.55
CA HIS B 16 11.45 -9.73 8.53
C HIS B 16 11.68 -8.32 7.96
N LEU B 17 11.94 -7.36 8.85
CA LEU B 17 12.20 -5.99 8.42
C LEU B 17 13.40 -5.94 7.47
N ILE B 18 14.53 -6.50 7.90
CA ILE B 18 15.73 -6.47 7.09
C ILE B 18 15.47 -7.15 5.75
N GLU B 19 14.85 -8.34 5.80
CA GLU B 19 14.58 -9.07 4.56
C GLU B 19 13.63 -8.28 3.66
N SER B 20 12.61 -7.65 4.24
CA SER B 20 11.65 -6.90 3.43
C SER B 20 12.31 -5.68 2.79
N ILE B 21 13.26 -5.07 3.48
CA ILE B 21 13.98 -3.94 2.90
C ILE B 21 14.89 -4.42 1.77
N GLU B 22 15.57 -5.54 1.98
CA GLU B 22 16.49 -6.06 0.98
C GLU B 22 15.76 -6.45 -0.30
N LYS B 23 14.66 -7.21 -0.17
CA LYS B 23 13.95 -7.67 -1.36
C LYS B 23 13.31 -6.51 -2.11
N SER B 24 12.71 -5.56 -1.39
CA SER B 24 12.05 -4.43 -2.05
C SER B 24 13.06 -3.55 -2.77
N THR B 25 14.17 -3.23 -2.11
CA THR B 25 15.19 -2.39 -2.75
C THR B 25 15.80 -3.09 -3.95
N GLN B 26 16.00 -4.41 -3.86
CA GLN B 26 16.56 -5.15 -4.99
C GLN B 26 15.60 -5.16 -6.17
N TYR B 27 14.30 -5.33 -5.90
CA TYR B 27 13.30 -5.25 -6.96
C TYR B 27 13.31 -3.87 -7.62
N MET B 28 13.30 -2.82 -6.80
CA MET B 28 13.23 -1.46 -7.34
C MET B 28 14.54 -1.05 -7.99
N ALA B 29 15.67 -1.60 -7.54
CA ALA B 29 16.95 -1.28 -8.17
C ALA B 29 17.06 -1.90 -9.55
N LYS B 30 16.55 -3.13 -9.73
CA LYS B 30 16.61 -3.79 -11.01
C LYS B 30 15.71 -3.12 -12.06
N ARG B 31 14.82 -2.23 -11.64
CA ARG B 31 13.91 -1.54 -12.55
C ARG B 31 14.05 -0.02 -12.48
N ARG B 32 15.04 0.48 -11.74
CA ARG B 32 15.33 1.91 -11.65
C ARG B 32 14.11 2.68 -11.15
N ILE B 33 13.50 2.17 -10.08
CA ILE B 33 12.37 2.81 -9.43
C ILE B 33 12.88 3.55 -8.20
N GLY B 34 12.64 4.86 -8.16
CA GLY B 34 13.11 5.64 -7.04
C GLY B 34 12.39 5.27 -5.76
N ALA B 35 13.14 5.22 -4.66
CA ALA B 35 12.58 4.84 -3.37
C ALA B 35 13.32 5.55 -2.25
N LEU B 36 12.59 5.76 -1.15
CA LEU B 36 13.14 6.47 0.01
C LEU B 36 12.48 5.88 1.25
N ILE B 37 13.24 5.09 2.01
CA ILE B 37 12.73 4.38 3.19
C ILE B 37 13.59 4.78 4.38
N SER B 38 12.97 5.37 5.39
CA SER B 38 13.64 5.81 6.61
C SER B 38 13.14 4.95 7.78
N VAL B 39 14.06 4.30 8.47
CA VAL B 39 13.73 3.47 9.62
C VAL B 39 14.11 4.22 10.90
N ALA B 40 13.11 4.52 11.73
CA ALA B 40 13.36 5.27 12.95
C ALA B 40 14.06 4.38 13.98
N ARG B 41 14.80 5.02 14.89
CA ARG B 41 15.49 4.31 15.95
C ARG B 41 15.17 5.00 17.27
N ASP B 42 16.20 5.53 17.95
CA ASP B 42 15.94 6.13 19.27
C ASP B 42 15.40 7.54 19.14
N THR B 43 15.76 8.25 18.08
CA THR B 43 15.29 9.62 17.89
C THR B 43 13.89 9.58 17.29
N GLY B 44 12.92 10.13 18.00
CA GLY B 44 11.55 10.11 17.51
C GLY B 44 11.41 10.85 16.20
N MET B 45 10.46 10.39 15.38
CA MET B 45 10.14 11.03 14.11
C MET B 45 8.63 11.29 13.99
N ASP B 46 7.94 11.36 15.14
CA ASP B 46 6.51 11.64 15.15
C ASP B 46 6.13 12.80 14.26
N ASP B 47 6.97 13.85 14.22
CA ASP B 47 6.65 15.05 13.46
C ASP B 47 6.63 14.78 11.96
N TYR B 48 7.55 13.93 11.48
CA TYR B 48 7.66 13.70 10.05
C TYR B 48 6.68 12.66 9.53
N ILE B 49 6.16 11.80 10.41
CA ILE B 49 5.13 10.84 10.00
C ILE B 49 3.84 11.57 9.68
N GLU B 50 3.50 12.59 10.48
CA GLU B 50 2.25 13.31 10.28
C GLU B 50 2.20 14.06 8.95
N THR B 51 3.35 14.30 8.32
CA THR B 51 3.38 15.01 7.05
C THR B 51 2.93 14.14 5.88
N GLY B 52 2.91 12.83 6.03
CA GLY B 52 2.58 11.92 4.95
C GLY B 52 1.17 11.36 5.07
N ILE B 53 0.93 10.32 4.28
CA ILE B 53 -0.34 9.60 4.30
C ILE B 53 -0.21 8.46 5.30
N PRO B 54 -1.04 8.40 6.34
CA PRO B 54 -0.85 7.36 7.36
C PRO B 54 -1.27 5.99 6.86
N LEU B 55 -0.43 4.99 7.16
CA LEU B 55 -0.71 3.60 6.83
C LEU B 55 -0.83 2.73 8.06
N ASN B 56 0.14 2.80 8.98
CA ASN B 56 0.19 1.92 10.15
C ASN B 56 0.07 0.46 9.75
N ALA B 57 0.76 0.10 8.67
CA ALA B 57 0.59 -1.18 8.01
C ALA B 57 1.68 -2.16 8.42
N LYS B 58 1.36 -3.45 8.28
CA LYS B 58 2.35 -4.50 8.49
C LYS B 58 3.45 -4.39 7.44
N ILE B 59 4.69 -4.61 7.86
CA ILE B 59 5.83 -4.49 6.97
C ILE B 59 5.88 -5.69 6.04
N SER B 60 5.98 -5.43 4.74
CA SER B 60 6.09 -6.47 3.72
C SER B 60 6.89 -5.89 2.56
N SER B 61 7.64 -6.76 1.89
CA SER B 61 8.35 -6.31 0.70
C SER B 61 7.38 -5.97 -0.43
N GLN B 62 6.24 -6.67 -0.50
CA GLN B 62 5.26 -6.39 -1.55
C GLN B 62 4.65 -5.00 -1.38
N LEU B 63 4.32 -4.61 -0.15
CA LEU B 63 3.76 -3.29 0.10
C LEU B 63 4.77 -2.20 -0.20
N LEU B 64 6.04 -2.41 0.18
CA LEU B 64 7.06 -1.41 -0.12
C LEU B 64 7.21 -1.22 -1.63
N ILE B 65 7.16 -2.33 -2.39
CA ILE B 65 7.25 -2.23 -3.84
C ILE B 65 6.07 -1.45 -4.40
N ASN B 66 4.85 -1.78 -3.94
CA ASN B 66 3.66 -1.13 -4.47
C ASN B 66 3.63 0.36 -4.16
N ILE B 67 4.19 0.77 -3.02
CA ILE B 67 4.13 2.17 -2.61
C ILE B 67 4.91 3.04 -3.59
N PHE B 68 6.11 2.63 -3.97
CA PHE B 68 7.00 3.46 -4.75
C PHE B 68 6.80 3.32 -6.26
N ILE B 69 5.70 2.70 -6.71
CA ILE B 69 5.45 2.62 -8.14
C ILE B 69 5.31 4.03 -8.71
N PRO B 70 5.95 4.35 -9.83
CA PRO B 70 5.93 5.74 -10.31
C PRO B 70 4.53 6.20 -10.69
N ASN B 71 4.31 7.50 -10.54
CA ASN B 71 3.05 8.15 -10.93
C ASN B 71 1.88 7.61 -10.12
N THR B 72 2.12 7.30 -8.86
CA THR B 72 1.09 6.81 -7.94
C THR B 72 0.98 7.75 -6.74
N PRO B 73 -0.18 7.79 -6.08
CA PRO B 73 -0.36 8.74 -4.97
C PRO B 73 0.63 8.58 -3.84
N LEU B 74 1.16 7.38 -3.62
CA LEU B 74 2.03 7.12 -2.47
C LEU B 74 3.53 7.20 -2.79
N HIS B 75 3.90 7.43 -4.04
CA HIS B 75 5.31 7.32 -4.42
C HIS B 75 6.11 8.59 -4.17
N ASP B 76 5.46 9.75 -4.15
CA ASP B 76 6.18 11.03 -4.09
C ASP B 76 6.43 11.40 -2.63
N GLY B 77 7.47 10.82 -2.08
CA GLY B 77 7.88 11.12 -0.72
C GLY B 77 8.63 9.96 -0.10
N ALA B 78 8.62 9.92 1.22
CA ALA B 78 9.37 8.95 1.99
C ALA B 78 8.45 8.00 2.74
N VAL B 79 8.84 6.73 2.80
CA VAL B 79 8.23 5.76 3.69
C VAL B 79 8.98 5.80 5.00
N ILE B 80 8.24 5.90 6.11
CA ILE B 80 8.83 5.91 7.45
C ILE B 80 8.38 4.65 8.17
N ILE B 81 9.35 3.87 8.63
CA ILE B 81 9.09 2.65 9.37
C ILE B 81 9.34 2.93 10.85
N LYS B 82 8.31 2.76 11.67
CA LYS B 82 8.40 2.97 13.10
C LYS B 82 7.94 1.71 13.81
N GLY B 83 8.73 1.26 14.78
CA GLY B 83 8.47 -0.01 15.43
C GLY B 83 8.50 -1.14 14.42
N ASN B 84 7.41 -1.90 14.33
CA ASN B 84 7.26 -2.96 13.36
C ASN B 84 6.12 -2.67 12.41
N GLU B 85 5.98 -1.40 12.02
CA GLU B 85 4.92 -0.99 11.12
C GLU B 85 5.47 -0.01 10.10
N ILE B 86 4.85 0.01 8.92
CA ILE B 86 5.04 1.09 7.97
C ILE B 86 4.08 2.20 8.40
N ALA B 87 4.61 3.21 9.10
CA ALA B 87 3.76 4.22 9.71
C ALA B 87 3.10 5.10 8.65
N SER B 88 3.88 5.57 7.68
CA SER B 88 3.36 6.50 6.69
C SER B 88 4.12 6.35 5.39
N ALA B 89 3.56 6.96 4.34
CA ALA B 89 4.20 7.03 3.04
C ALA B 89 3.98 8.44 2.50
N ALA B 90 4.74 8.79 1.46
CA ALA B 90 4.69 10.13 0.88
C ALA B 90 5.01 11.20 1.92
N SER B 91 5.84 10.85 2.90
CA SER B 91 6.18 11.75 3.99
C SER B 91 7.30 12.70 3.57
N TYR B 92 7.34 13.85 4.23
CA TYR B 92 8.32 14.89 3.94
C TYR B 92 9.47 14.82 4.95
N LEU B 93 10.69 14.74 4.44
CA LEU B 93 11.89 14.73 5.26
C LEU B 93 12.67 16.03 5.05
N PRO B 94 13.46 16.46 6.03
CA PRO B 94 14.27 17.68 5.84
C PRO B 94 15.30 17.49 4.74
N LEU B 95 15.49 18.54 3.94
CA LEU B 95 16.52 18.54 2.92
C LEU B 95 17.81 19.10 3.49
N SER B 96 18.90 18.34 3.34
CA SER B 96 20.20 18.81 3.80
C SER B 96 20.71 19.91 2.87
N ASP B 97 21.49 20.83 3.45
CA ASP B 97 22.13 21.89 2.68
C ASP B 97 23.56 21.56 2.29
N SER B 98 23.96 20.29 2.43
CA SER B 98 25.36 19.93 2.22
C SER B 98 25.76 20.12 0.76
N PRO B 99 26.85 20.83 0.49
CA PRO B 99 27.36 20.92 -0.90
C PRO B 99 28.19 19.72 -1.32
N PHE B 100 28.52 18.82 -0.41
CA PHE B 100 29.36 17.68 -0.73
C PHE B 100 28.57 16.51 -1.30
N LEU B 101 27.24 16.64 -1.37
CA LEU B 101 26.42 15.63 -2.03
C LEU B 101 26.68 15.62 -3.52
N SER B 102 26.77 14.43 -4.10
CA SER B 102 27.09 14.30 -5.51
C SER B 102 26.04 15.00 -6.38
N LYS B 103 26.49 15.59 -7.47
CA LYS B 103 25.60 16.39 -8.31
C LYS B 103 24.52 15.52 -8.97
N GLU B 104 24.89 14.32 -9.41
CA GLU B 104 23.91 13.47 -10.09
C GLU B 104 22.90 12.86 -9.13
N LEU B 105 23.08 13.00 -7.82
CA LEU B 105 22.09 12.52 -6.88
C LEU B 105 20.84 13.41 -6.92
N GLY B 106 19.71 12.81 -6.58
CA GLY B 106 18.42 13.47 -6.66
C GLY B 106 17.97 14.06 -5.35
N THR B 107 16.70 14.47 -5.33
CA THR B 107 16.11 15.08 -4.14
C THR B 107 15.95 14.05 -3.03
N ARG B 108 15.66 12.80 -3.38
CA ARG B 108 15.50 11.75 -2.38
C ARG B 108 16.74 11.63 -1.51
N HIS B 109 17.91 11.62 -2.16
CA HIS B 109 19.18 11.50 -1.44
C HIS B 109 19.38 12.67 -0.49
N ARG B 110 19.03 13.88 -0.91
CA ARG B 110 19.19 15.05 -0.05
C ARG B 110 18.24 15.00 1.14
N ALA B 111 17.03 14.46 0.92
CA ALA B 111 16.10 14.27 2.04
C ALA B 111 16.60 13.18 2.98
N ALA B 112 17.19 12.12 2.43
CA ALA B 112 17.78 11.09 3.27
C ALA B 112 18.94 11.63 4.08
N LEU B 113 19.77 12.49 3.46
CA LEU B 113 20.88 13.10 4.18
C LEU B 113 20.37 14.05 5.26
N GLY B 114 19.32 14.82 4.95
CA GLY B 114 18.80 15.78 5.91
C GLY B 114 18.22 15.12 7.14
N ILE B 115 17.45 14.04 6.96
CA ILE B 115 16.89 13.34 8.12
C ILE B 115 17.99 12.69 8.94
N SER B 116 19.08 12.23 8.30
CA SER B 116 20.19 11.65 9.03
C SER B 116 20.94 12.69 9.86
N GLU B 117 20.85 13.97 9.48
CA GLU B 117 21.57 15.01 10.23
C GLU B 117 20.89 15.37 11.53
N VAL B 118 19.59 15.10 11.67
CA VAL B 118 18.82 15.50 12.85
C VAL B 118 18.21 14.31 13.59
N THR B 119 18.36 13.09 13.07
CA THR B 119 17.93 11.89 13.78
C THR B 119 19.01 10.83 13.67
N ASP B 120 18.92 9.82 14.53
CA ASP B 120 19.77 8.64 14.45
C ASP B 120 19.17 7.56 13.56
N SER B 121 18.16 7.90 12.76
CA SER B 121 17.53 6.92 11.89
C SER B 121 18.49 6.50 10.77
N ILE B 122 18.17 5.36 10.17
CA ILE B 122 18.90 4.83 9.02
C ILE B 122 17.96 4.84 7.83
N THR B 123 18.41 5.43 6.73
CA THR B 123 17.57 5.65 5.56
C THR B 123 18.19 4.99 4.34
N ILE B 124 17.36 4.32 3.55
CA ILE B 124 17.78 3.63 2.35
C ILE B 124 17.18 4.36 1.15
N VAL B 125 17.99 4.57 0.12
CA VAL B 125 17.57 5.27 -1.09
C VAL B 125 17.88 4.39 -2.30
N VAL B 126 16.95 4.37 -3.25
CA VAL B 126 17.15 3.75 -4.56
C VAL B 126 17.05 4.84 -5.61
N SER B 127 18.08 4.97 -6.43
CA SER B 127 18.11 6.02 -7.44
C SER B 127 17.28 5.62 -8.64
N GLU B 128 16.43 6.54 -9.10
CA GLU B 128 15.65 6.30 -10.32
C GLU B 128 16.45 6.49 -11.58
N GLU B 129 17.68 7.03 -11.48
CA GLU B 129 18.52 7.29 -12.64
C GLU B 129 19.51 6.16 -12.92
N THR B 130 20.13 5.61 -11.88
CA THR B 130 21.12 4.56 -12.02
C THR B 130 20.72 3.24 -11.38
N GLY B 131 19.73 3.23 -10.50
CA GLY B 131 19.38 2.03 -9.77
C GLY B 131 20.27 1.71 -8.60
N GLY B 132 21.26 2.55 -8.31
CA GLY B 132 22.12 2.31 -7.17
C GLY B 132 21.38 2.50 -5.86
N ILE B 133 21.80 1.73 -4.86
CA ILE B 133 21.23 1.79 -3.52
C ILE B 133 22.19 2.57 -2.63
N SER B 134 21.66 3.53 -1.87
CA SER B 134 22.47 4.35 -0.98
C SER B 134 21.87 4.35 0.42
N LEU B 135 22.71 4.66 1.40
CA LEU B 135 22.33 4.69 2.80
C LEU B 135 22.81 5.99 3.43
N THR B 136 22.05 6.46 4.43
CA THR B 136 22.42 7.68 5.15
C THR B 136 22.30 7.42 6.64
N LYS B 137 23.28 7.93 7.39
CA LYS B 137 23.31 7.80 8.84
C LYS B 137 24.30 8.83 9.37
N GLY B 138 23.95 9.46 10.48
CA GLY B 138 24.89 10.36 11.12
C GLY B 138 25.31 11.55 10.28
N GLY B 139 24.48 11.92 9.29
CA GLY B 139 24.82 13.05 8.45
C GLY B 139 25.74 12.72 7.30
N GLU B 140 25.89 11.44 6.98
CA GLU B 140 26.80 10.98 5.93
C GLU B 140 26.07 9.99 5.03
N LEU B 141 26.60 9.79 3.83
CA LEU B 141 25.96 8.95 2.82
C LEU B 141 26.96 7.93 2.30
N PHE B 142 26.51 6.68 2.19
CA PHE B 142 27.27 5.61 1.57
C PHE B 142 26.58 5.30 0.24
N ARG B 143 27.27 5.56 -0.86
CA ARG B 143 26.69 5.53 -2.19
C ARG B 143 26.97 4.21 -2.90
N ASP B 144 25.95 3.70 -3.61
CA ASP B 144 26.08 2.54 -4.49
C ASP B 144 26.61 1.32 -3.72
N VAL B 145 25.85 0.91 -2.71
CA VAL B 145 26.26 -0.21 -1.88
C VAL B 145 25.93 -1.52 -2.58
N SER B 146 26.64 -2.57 -2.18
CA SER B 146 26.35 -3.91 -2.69
C SER B 146 25.37 -4.61 -1.76
N GLU B 147 24.89 -5.78 -2.20
CA GLU B 147 23.98 -6.56 -1.38
C GLU B 147 24.62 -6.97 -0.07
N GLU B 148 25.87 -7.40 -0.12
CA GLU B 148 26.60 -7.74 1.10
C GLU B 148 26.77 -6.53 2.00
N GLU B 149 27.15 -5.40 1.43
CA GLU B 149 27.33 -4.18 2.22
C GLU B 149 26.01 -3.73 2.84
N LEU B 150 24.95 -3.72 2.03
CA LEU B 150 23.63 -3.36 2.56
C LEU B 150 23.21 -4.27 3.70
N HIS B 151 23.42 -5.58 3.54
CA HIS B 151 23.06 -6.53 4.60
C HIS B 151 23.86 -6.27 5.87
N LYS B 152 25.16 -6.01 5.73
CA LYS B 152 26.00 -5.78 6.91
C LYS B 152 25.60 -4.51 7.64
N ILE B 153 25.32 -3.43 6.91
CA ILE B 153 24.95 -2.17 7.54
C ILE B 153 23.60 -2.31 8.23
N LEU B 154 22.65 -3.00 7.58
CA LEU B 154 21.31 -3.11 8.17
C LEU B 154 21.36 -3.91 9.46
N LEU B 155 22.19 -4.96 9.49
CA LEU B 155 22.32 -5.79 10.69
C LEU B 155 22.88 -4.99 11.84
N LYS B 156 23.93 -4.21 11.57
CA LYS B 156 24.60 -3.46 12.63
C LYS B 156 23.69 -2.38 13.20
N GLU B 157 22.99 -1.64 12.33
CA GLU B 157 22.20 -0.50 12.78
C GLU B 157 20.80 -0.87 13.25
N LEU B 158 20.23 -1.97 12.78
CA LEU B 158 18.85 -2.30 13.12
C LEU B 158 18.73 -3.38 14.18
N VAL B 159 19.78 -4.16 14.42
CA VAL B 159 19.78 -5.15 15.49
C VAL B 159 20.64 -4.60 16.62
N THR B 160 19.99 -4.23 17.73
CA THR B 160 20.69 -3.61 18.85
C THR B 160 21.07 -4.62 19.93
N VAL B 161 20.57 -5.85 19.84
CA VAL B 161 20.92 -6.91 20.78
C VAL B 161 21.03 -8.25 20.07
NA NA C . -27.05 -13.07 -17.96
C1 F06 D . 20.01 -12.62 8.10
CL2 F06 D . 21.50 -13.51 7.95
C3 F06 D . 19.83 -11.85 9.23
C4 F06 D . 18.66 -11.12 9.36
C5 F06 D . 17.70 -11.17 8.37
C6 F06 D . 17.90 -11.95 7.25
C7 F06 D . 19.07 -12.70 7.08
C8 F06 D . 19.22 -13.55 5.84
S9 F06 D . 19.41 -12.50 4.37
C10 F06 D . 17.71 -12.41 3.78
N11 F06 D . 17.46 -11.66 2.74
N12 F06 D . 16.78 -13.08 4.40
#